data_3QMQ
#
_entry.id   3QMQ
#
_cell.length_a   44.643
_cell.length_b   83.397
_cell.length_c   63.595
_cell.angle_alpha   90.000
_cell.angle_beta   89.530
_cell.angle_gamma   90.000
#
_symmetry.space_group_name_H-M   'P 1 21 1'
#
loop_
_entity.id
_entity.type
_entity.pdbx_description
1 polymer 'Autoinducer-2 (AI-2) modifying protein LsrG'
2 water water
#
_entity_poly.entity_id   1
_entity_poly.type   'polypeptide(L)'
_entity_poly.pdbx_seq_one_letter_code
;MGSMHVTLVEINVHEDKVDEFIEVFRQNHLGSVQEEGNLRFDVLQDPEVNSRFYIYEAYKDEDAVAFHKTTPHYKTCVAK
LESLMTGPRKKRLFNGLMP
;
_entity_poly.pdbx_strand_id   A,B,C,D
#
# COMPACT_ATOMS: atom_id res chain seq x y z
N SER A 3 9.44 1.28 9.53
CA SER A 3 9.34 0.57 10.84
C SER A 3 8.26 -0.54 10.75
N MET A 4 6.97 -0.19 10.75
CA MET A 4 5.88 -1.17 10.90
C MET A 4 4.89 -1.03 9.76
N HIS A 5 4.31 -2.14 9.30
CA HIS A 5 3.22 -2.08 8.33
C HIS A 5 1.96 -2.15 9.16
N VAL A 6 1.16 -1.08 9.09
CA VAL A 6 -0.03 -0.90 10.00
C VAL A 6 -1.30 -0.74 9.20
N THR A 7 -2.40 -1.30 9.72
CA THR A 7 -3.70 -1.16 9.06
C THR A 7 -4.72 -0.96 10.17
N LEU A 8 -5.70 -0.13 9.89
CA LEU A 8 -6.84 0.03 10.79
C LEU A 8 -8.02 -0.32 9.93
N VAL A 9 -8.77 -1.33 10.38
CA VAL A 9 -9.88 -1.80 9.54
C VAL A 9 -11.15 -1.49 10.33
N GLU A 10 -12.12 -0.80 9.73
CA GLU A 10 -13.43 -0.58 10.34
C GLU A 10 -14.38 -1.64 9.89
N ILE A 11 -15.06 -2.24 10.87
CA ILE A 11 -15.96 -3.33 10.62
C ILE A 11 -17.31 -3.02 11.27
N ASN A 12 -18.37 -3.08 10.48
CA ASN A 12 -19.71 -2.87 11.03
C ASN A 12 -20.50 -4.13 10.95
N VAL A 13 -21.14 -4.51 12.06
CA VAL A 13 -21.79 -5.78 12.13
C VAL A 13 -23.28 -5.60 12.46
N HIS A 14 -24.09 -6.61 12.19
CA HIS A 14 -25.51 -6.55 12.62
C HIS A 14 -25.63 -6.39 14.12
N GLU A 15 -26.59 -5.57 14.55
CA GLU A 15 -26.79 -5.30 16.03
C GLU A 15 -26.93 -6.58 16.85
N ASP A 16 -27.68 -7.54 16.30
CA ASP A 16 -27.83 -8.82 16.97
C ASP A 16 -26.67 -9.78 16.82
N LYS A 17 -25.55 -9.35 16.25
CA LYS A 17 -24.43 -10.26 16.16
C LYS A 17 -23.16 -9.62 16.77
N VAL A 18 -23.36 -8.62 17.61
CA VAL A 18 -22.23 -7.99 18.31
C VAL A 18 -21.46 -9.04 19.15
N ASP A 19 -22.20 -9.85 19.88
CA ASP A 19 -21.49 -10.76 20.74
C ASP A 19 -20.79 -11.85 19.96
N GLU A 20 -21.43 -12.26 18.87
CA GLU A 20 -20.83 -13.25 18.06
C GLU A 20 -19.50 -12.68 17.45
N PHE A 21 -19.53 -11.40 17.06
CA PHE A 21 -18.40 -10.80 16.39
C PHE A 21 -17.25 -10.79 17.38
N ILE A 22 -17.54 -10.39 18.63
CA ILE A 22 -16.46 -10.28 19.64
C ILE A 22 -15.84 -11.68 19.88
N GLU A 23 -16.69 -12.70 20.06
CA GLU A 23 -16.18 -14.09 20.19
C GLU A 23 -15.33 -14.53 19.00
N VAL A 24 -15.78 -14.24 17.78
CA VAL A 24 -15.03 -14.60 16.57
C VAL A 24 -13.67 -13.92 16.54
N PHE A 25 -13.68 -12.59 16.66
CA PHE A 25 -12.46 -11.85 16.69
C PHE A 25 -11.54 -12.14 17.85
N ARG A 26 -12.08 -12.49 19.02
CA ARG A 26 -11.20 -13.01 20.09
C ARG A 26 -10.22 -14.10 19.59
N GLN A 27 -10.72 -15.05 18.79
CA GLN A 27 -9.89 -16.16 18.31
C GLN A 27 -8.90 -15.68 17.32
N ASN A 28 -9.26 -14.65 16.56
CA ASN A 28 -8.28 -14.11 15.60
C ASN A 28 -7.20 -13.36 16.38
N HIS A 29 -7.61 -12.58 17.40
CA HIS A 29 -6.66 -11.82 18.23
C HIS A 29 -5.66 -12.78 18.93
N LEU A 30 -6.20 -13.86 19.48
CA LEU A 30 -5.41 -14.70 20.35
C LEU A 30 -4.30 -15.36 19.52
N GLY A 31 -4.65 -15.77 18.32
CA GLY A 31 -3.64 -16.35 17.43
C GLY A 31 -2.75 -15.28 16.86
N SER A 32 -3.34 -14.15 16.46
CA SER A 32 -2.52 -13.19 15.75
C SER A 32 -1.44 -12.56 16.62
N VAL A 33 -1.74 -12.31 17.89
CA VAL A 33 -0.68 -11.76 18.77
C VAL A 33 0.48 -12.70 18.97
N GLN A 34 0.30 -13.99 18.69
CA GLN A 34 1.35 -14.97 18.83
C GLN A 34 2.22 -15.13 17.57
N GLU A 35 1.77 -14.57 16.45
CA GLU A 35 2.55 -14.65 15.19
C GLU A 35 3.88 -13.93 15.47
N GLU A 36 4.94 -14.48 14.89
CA GLU A 36 6.31 -13.98 15.17
C GLU A 36 6.43 -12.53 14.69
N GLY A 37 5.84 -12.22 13.54
CA GLY A 37 6.02 -10.83 13.05
C GLY A 37 4.96 -9.84 13.49
N ASN A 38 4.06 -10.27 14.39
CA ASN A 38 3.05 -9.37 14.91
C ASN A 38 3.53 -8.43 15.99
N LEU A 39 3.18 -7.16 15.83
CA LEU A 39 3.48 -6.18 16.84
C LEU A 39 2.23 -5.70 17.60
N ARG A 40 1.07 -5.53 16.94
CA ARG A 40 -0.16 -5.27 17.65
C ARG A 40 -1.27 -5.97 16.91
N PHE A 41 -2.27 -6.37 17.67
CA PHE A 41 -3.51 -6.74 17.02
C PHE A 41 -4.64 -6.27 17.95
N ASP A 42 -4.94 -4.96 18.03
CA ASP A 42 -5.87 -4.48 19.03
C ASP A 42 -7.22 -4.51 18.45
N VAL A 43 -8.19 -4.88 19.30
CA VAL A 43 -9.59 -4.93 18.81
C VAL A 43 -10.34 -3.85 19.63
N LEU A 44 -10.73 -2.81 18.92
CA LEU A 44 -11.37 -1.59 19.43
C LEU A 44 -12.89 -1.55 19.10
N GLN A 45 -13.62 -0.86 19.93
CA GLN A 45 -15.07 -0.68 19.71
C GLN A 45 -15.35 0.78 19.75
N ASP A 46 -16.23 1.24 18.86
CA ASP A 46 -16.68 2.63 18.87
C ASP A 46 -17.41 2.93 20.18
N PRO A 47 -17.17 4.11 20.81
CA PRO A 47 -17.80 4.36 22.14
C PRO A 47 -19.27 4.70 22.05
N GLU A 48 -19.73 5.01 20.85
CA GLU A 48 -21.14 5.37 20.67
C GLU A 48 -21.97 4.38 19.92
N VAL A 49 -21.33 3.57 19.10
CA VAL A 49 -22.02 2.66 18.19
C VAL A 49 -21.46 1.30 18.49
N ASN A 50 -22.25 0.51 19.20
CA ASN A 50 -21.79 -0.78 19.76
C ASN A 50 -21.49 -1.78 18.60
N SER A 51 -22.08 -1.52 17.44
CA SER A 51 -21.90 -2.43 16.32
C SER A 51 -20.75 -2.07 15.35
N ARG A 52 -19.93 -1.08 15.70
CA ARG A 52 -18.85 -0.68 14.79
C ARG A 52 -17.57 -0.96 15.55
N PHE A 53 -16.59 -1.57 14.87
CA PHE A 53 -15.32 -2.02 15.52
C PHE A 53 -14.17 -1.59 14.66
N TYR A 54 -13.00 -1.46 15.26
CA TYR A 54 -11.79 -1.13 14.49
C TYR A 54 -10.71 -2.08 14.93
N ILE A 55 -9.99 -2.66 13.96
CA ILE A 55 -8.92 -3.53 14.26
C ILE A 55 -7.64 -2.87 13.90
N TYR A 56 -6.78 -2.73 14.87
CA TYR A 56 -5.47 -2.10 14.75
C TYR A 56 -4.40 -3.18 14.60
N GLU A 57 -3.94 -3.42 13.36
CA GLU A 57 -2.96 -4.50 13.16
C GLU A 57 -1.61 -3.95 12.78
N ALA A 58 -0.54 -4.37 13.44
CA ALA A 58 0.81 -3.88 13.07
C ALA A 58 1.70 -5.05 12.92
N TYR A 59 2.49 -5.11 11.82
CA TYR A 59 3.44 -6.19 11.61
C TYR A 59 4.78 -5.66 11.33
N LYS A 60 5.77 -6.48 11.62
CA LYS A 60 7.16 -5.98 11.48
C LYS A 60 7.48 -5.64 10.02
N ASP A 61 6.86 -6.37 9.06
CA ASP A 61 7.17 -6.22 7.60
C ASP A 61 6.16 -6.91 6.74
N GLU A 62 6.39 -6.89 5.41
CA GLU A 62 5.40 -7.31 4.46
C GLU A 62 5.24 -8.81 4.51
N ASP A 63 6.35 -9.52 4.68
CA ASP A 63 6.34 -10.97 4.84
C ASP A 63 5.45 -11.37 6.03
N ALA A 64 5.54 -10.64 7.16
CA ALA A 64 4.64 -10.90 8.31
C ALA A 64 3.20 -10.64 7.98
N VAL A 65 2.90 -9.49 7.36
CA VAL A 65 1.49 -9.22 6.89
C VAL A 65 0.96 -10.40 6.10
N ALA A 66 1.83 -10.90 5.24
CA ALA A 66 1.45 -11.94 4.33
C ALA A 66 1.21 -13.27 4.99
N PHE A 67 2.08 -13.59 5.97
CA PHE A 67 1.99 -14.79 6.74
C PHE A 67 0.61 -14.80 7.40
N HIS A 68 0.22 -13.62 7.83
CA HIS A 68 -0.95 -13.49 8.72
C HIS A 68 -2.16 -13.99 7.94
N LYS A 69 -2.21 -13.67 6.65
CA LYS A 69 -3.37 -13.98 5.81
C LYS A 69 -3.42 -15.45 5.35
N THR A 70 -2.39 -16.22 5.69
CA THR A 70 -2.38 -17.69 5.49
C THR A 70 -2.71 -18.55 6.68
N THR A 71 -2.90 -17.93 7.83
CA THR A 71 -3.04 -18.69 9.04
C THR A 71 -4.45 -19.21 9.17
N PRO A 72 -4.57 -20.36 9.87
CA PRO A 72 -5.88 -20.90 10.09
C PRO A 72 -6.78 -19.99 10.91
N HIS A 73 -6.23 -19.28 11.90
CA HIS A 73 -7.03 -18.33 12.67
C HIS A 73 -7.56 -17.18 11.76
N TYR A 74 -6.75 -16.67 10.85
CA TYR A 74 -7.24 -15.63 9.91
C TYR A 74 -8.33 -16.20 9.02
N LYS A 75 -8.08 -17.41 8.48
CA LYS A 75 -8.96 -18.05 7.46
C LYS A 75 -10.32 -18.31 8.08
N THR A 76 -10.33 -18.82 9.31
CA THR A 76 -11.62 -19.07 10.02
C THR A 76 -12.32 -17.79 10.29
N CYS A 77 -11.57 -16.77 10.75
CA CYS A 77 -12.19 -15.48 10.97
C CYS A 77 -13.00 -14.98 9.75
N VAL A 78 -12.38 -14.93 8.58
CA VAL A 78 -12.99 -14.34 7.41
C VAL A 78 -14.31 -15.07 7.11
N ALA A 79 -14.26 -16.38 7.26
CA ALA A 79 -15.41 -17.22 7.01
C ALA A 79 -16.53 -16.92 7.96
N LYS A 80 -16.23 -16.82 9.25
CA LYS A 80 -17.28 -16.60 10.26
C LYS A 80 -17.84 -15.20 10.22
N LEU A 81 -17.06 -14.27 9.75
CA LEU A 81 -17.44 -12.87 9.61
C LEU A 81 -18.46 -12.58 8.50
N GLU A 82 -18.45 -13.32 7.39
CA GLU A 82 -19.44 -13.03 6.31
C GLU A 82 -20.85 -12.83 6.75
N SER A 83 -21.39 -13.73 7.55
CA SER A 83 -22.79 -13.56 7.97
C SER A 83 -22.98 -12.37 8.94
N LEU A 84 -21.89 -11.74 9.37
CA LEU A 84 -22.03 -10.72 10.44
C LEU A 84 -22.05 -9.28 9.97
N MET A 85 -21.53 -8.99 8.81
CA MET A 85 -21.22 -7.61 8.48
C MET A 85 -22.34 -6.86 7.81
N THR A 86 -22.46 -5.56 8.07
CA THR A 86 -23.63 -4.84 7.49
C THR A 86 -23.23 -4.18 6.19
N GLY A 87 -21.92 -4.10 5.95
CA GLY A 87 -21.32 -3.58 4.73
C GLY A 87 -19.86 -3.96 4.68
N PRO A 88 -19.20 -3.72 3.53
CA PRO A 88 -17.81 -4.05 3.29
C PRO A 88 -16.88 -3.45 4.35
N ARG A 89 -15.77 -4.09 4.63
CA ARG A 89 -14.87 -3.48 5.57
C ARG A 89 -14.13 -2.33 4.86
N LYS A 90 -13.78 -1.33 5.67
CA LYS A 90 -13.08 -0.12 5.22
C LYS A 90 -11.68 -0.16 5.83
N LYS A 91 -10.68 -0.33 5.00
CA LYS A 91 -9.32 -0.43 5.44
C LYS A 91 -8.50 0.84 5.17
N ARG A 92 -7.69 1.23 6.14
CA ARG A 92 -6.65 2.21 5.84
C ARG A 92 -5.28 1.68 6.25
N LEU A 93 -4.32 1.88 5.35
CA LEU A 93 -2.94 1.51 5.58
C LEU A 93 -2.18 2.72 6.05
N PHE A 94 -1.23 2.47 6.93
CA PHE A 94 -0.28 3.49 7.40
C PHE A 94 1.11 2.96 7.42
N ASN A 95 2.02 3.89 7.26
CA ASN A 95 3.44 3.63 7.57
C ASN A 95 3.77 3.84 9.05
N GLY A 96 4.18 2.77 9.79
CA GLY A 96 4.35 2.91 11.27
C GLY A 96 5.77 3.41 11.47
N LEU A 97 5.91 4.66 11.92
CA LEU A 97 7.22 5.27 11.98
C LEU A 97 7.89 5.08 13.34
N MET A 98 7.06 5.09 14.37
CA MET A 98 7.50 4.94 15.78
C MET A 98 6.47 4.09 16.54
N PRO A 99 6.93 3.21 17.46
CA PRO A 99 8.35 2.94 17.85
C PRO A 99 9.13 2.23 16.76
N SER B 3 -9.27 -2.22 -9.56
CA SER B 3 -9.19 -3.56 -10.22
C SER B 3 -7.97 -4.35 -9.72
N MET B 4 -6.80 -3.72 -9.75
CA MET B 4 -5.63 -4.52 -9.45
C MET B 4 -4.56 -3.75 -8.74
N HIS B 5 -3.79 -4.49 -7.94
CA HIS B 5 -2.69 -4.04 -7.09
C HIS B 5 -1.41 -4.24 -7.82
N VAL B 6 -0.75 -3.13 -8.13
CA VAL B 6 0.37 -3.16 -9.05
C VAL B 6 1.58 -2.56 -8.39
N THR B 7 2.71 -3.22 -8.57
CA THR B 7 3.99 -2.68 -8.07
C THR B 7 5.02 -2.85 -9.16
N LEU B 8 5.89 -1.87 -9.32
CA LEU B 8 7.00 -1.98 -10.22
C LEU B 8 8.25 -1.94 -9.36
N VAL B 9 8.96 -3.07 -9.27
CA VAL B 9 10.20 -3.22 -8.38
C VAL B 9 11.46 -3.12 -9.17
N GLU B 10 12.31 -2.15 -8.84
CA GLU B 10 13.61 -2.04 -9.52
C GLU B 10 14.65 -2.85 -8.76
N ILE B 11 15.44 -3.65 -9.49
CA ILE B 11 16.46 -4.48 -8.84
C ILE B 11 17.72 -4.18 -9.59
N ASN B 12 18.77 -3.80 -8.87
CA ASN B 12 20.11 -3.67 -9.48
C ASN B 12 21.08 -4.76 -9.06
N VAL B 13 21.78 -5.35 -10.03
CA VAL B 13 22.57 -6.53 -9.75
C VAL B 13 24.05 -6.29 -10.13
N HIS B 14 24.91 -7.14 -9.57
CA HIS B 14 26.37 -7.04 -9.87
C HIS B 14 26.53 -7.27 -11.35
N GLU B 15 27.43 -6.51 -11.98
CA GLU B 15 27.50 -6.53 -13.47
C GLU B 15 27.88 -7.89 -13.96
N ASP B 16 28.65 -8.59 -13.12
CA ASP B 16 28.98 -10.01 -13.30
C ASP B 16 27.97 -11.00 -12.82
N LYS B 17 26.78 -10.58 -12.41
CA LYS B 17 25.81 -11.54 -11.98
C LYS B 17 24.48 -11.34 -12.75
N VAL B 18 24.51 -10.57 -13.83
CA VAL B 18 23.36 -10.42 -14.74
C VAL B 18 22.68 -11.77 -15.13
N ASP B 19 23.50 -12.69 -15.59
CA ASP B 19 23.01 -13.95 -16.11
C ASP B 19 22.45 -14.84 -14.98
N GLU B 20 23.14 -14.90 -13.86
CA GLU B 20 22.57 -15.50 -12.67
C GLU B 20 21.19 -14.93 -12.20
N PHE B 21 21.06 -13.60 -12.21
CA PHE B 21 19.87 -12.96 -11.74
C PHE B 21 18.73 -13.43 -12.69
N ILE B 22 18.95 -13.36 -13.98
CA ILE B 22 17.93 -13.79 -14.94
C ILE B 22 17.50 -15.27 -14.70
N GLU B 23 18.45 -16.19 -14.46
CA GLU B 23 18.06 -17.57 -14.20
C GLU B 23 17.27 -17.72 -12.91
N VAL B 24 17.71 -17.03 -11.86
CA VAL B 24 17.05 -17.03 -10.59
C VAL B 24 15.64 -16.47 -10.73
N PHE B 25 15.52 -15.26 -11.31
CA PHE B 25 14.22 -14.68 -11.51
C PHE B 25 13.29 -15.44 -12.36
N ARG B 26 13.82 -16.15 -13.38
CA ARG B 26 13.06 -17.02 -14.25
C ARG B 26 12.23 -18.02 -13.43
N GLN B 27 12.84 -18.65 -12.41
CA GLN B 27 12.10 -19.55 -11.49
C GLN B 27 10.98 -18.87 -10.70
N ASN B 28 11.23 -17.64 -10.23
CA ASN B 28 10.18 -16.88 -9.57
C ASN B 28 9.06 -16.52 -10.56
N HIS B 29 9.44 -16.06 -11.77
CA HIS B 29 8.39 -15.75 -12.83
C HIS B 29 7.52 -16.96 -13.14
N LEU B 30 8.17 -18.11 -13.36
CA LEU B 30 7.36 -19.29 -13.78
C LEU B 30 6.35 -19.69 -12.69
N GLY B 31 6.75 -19.58 -11.43
CA GLY B 31 5.85 -19.90 -10.30
C GLY B 31 4.84 -18.82 -10.15
N SER B 32 5.28 -17.55 -10.19
CA SER B 32 4.32 -16.46 -9.92
C SER B 32 3.18 -16.32 -10.93
N VAL B 33 3.48 -16.54 -12.21
CA VAL B 33 2.40 -16.40 -13.21
C VAL B 33 1.34 -17.52 -13.07
N GLN B 34 1.70 -18.62 -12.40
CA GLN B 34 0.71 -19.63 -12.07
C GLN B 34 -0.13 -19.39 -10.84
N GLU B 35 0.22 -18.43 -10.00
CA GLU B 35 -0.55 -18.16 -8.79
C GLU B 35 -1.96 -17.72 -9.24
N GLU B 36 -2.97 -18.22 -8.54
CA GLU B 36 -4.36 -17.95 -8.93
C GLU B 36 -4.70 -16.47 -9.05
N GLY B 37 -4.18 -15.68 -8.13
CA GLY B 37 -4.53 -14.27 -8.20
C GLY B 37 -3.48 -13.40 -8.89
N ASN B 38 -2.52 -14.00 -9.60
CA ASN B 38 -1.56 -13.16 -10.35
C ASN B 38 -2.08 -12.76 -11.70
N LEU B 39 -1.90 -11.49 -12.07
CA LEU B 39 -2.35 -10.95 -13.34
C LEU B 39 -1.16 -10.70 -14.28
N ARG B 40 -0.07 -10.15 -13.72
CA ARG B 40 1.21 -10.05 -14.48
C ARG B 40 2.36 -10.34 -13.57
N PHE B 41 3.49 -10.82 -14.12
CA PHE B 41 4.71 -10.88 -13.31
C PHE B 41 5.77 -10.69 -14.36
N ASP B 42 5.80 -9.53 -15.03
CA ASP B 42 6.71 -9.39 -16.17
C ASP B 42 8.11 -9.01 -15.64
N VAL B 43 9.12 -9.49 -16.34
CA VAL B 43 10.52 -9.22 -15.96
C VAL B 43 11.09 -8.40 -17.07
N LEU B 44 11.43 -7.16 -16.75
CA LEU B 44 11.80 -6.17 -17.72
C LEU B 44 13.27 -5.88 -17.46
N GLN B 45 13.99 -5.39 -18.45
CA GLN B 45 15.43 -5.03 -18.36
C GLN B 45 15.59 -3.60 -18.91
N ASP B 46 16.48 -2.81 -18.30
CA ASP B 46 16.73 -1.45 -18.72
C ASP B 46 17.43 -1.48 -20.09
N PRO B 47 16.92 -0.74 -21.11
CA PRO B 47 17.47 -0.85 -22.46
C PRO B 47 18.90 -0.42 -22.51
N GLU B 48 19.34 0.30 -21.50
CA GLU B 48 20.73 0.84 -21.54
C GLU B 48 21.66 0.32 -20.47
N VAL B 49 21.10 -0.16 -19.35
CA VAL B 49 21.90 -0.63 -18.20
C VAL B 49 21.50 -2.09 -17.96
N ASN B 50 22.37 -2.99 -18.40
CA ASN B 50 22.06 -4.44 -18.43
C ASN B 50 21.88 -5.05 -17.03
N SER B 51 22.43 -4.36 -16.00
CA SER B 51 22.36 -4.81 -14.65
C SER B 51 21.17 -4.23 -13.90
N ARG B 52 20.22 -3.58 -14.61
CA ARG B 52 19.08 -2.97 -13.90
C ARG B 52 17.81 -3.54 -14.43
N PHE B 53 16.90 -3.99 -13.54
CA PHE B 53 15.78 -4.77 -13.93
C PHE B 53 14.56 -4.21 -13.24
N TYR B 54 13.39 -4.38 -13.87
CA TYR B 54 12.15 -3.97 -13.26
C TYR B 54 11.15 -5.11 -13.37
N ILE B 55 10.40 -5.34 -12.30
CA ILE B 55 9.57 -6.55 -12.28
C ILE B 55 8.22 -5.89 -12.08
N TYR B 56 7.30 -6.14 -12.99
CA TYR B 56 5.97 -5.55 -13.00
C TYR B 56 5.02 -6.60 -12.44
N GLU B 57 4.44 -6.37 -11.26
CA GLU B 57 3.74 -7.49 -10.62
C GLU B 57 2.38 -6.93 -10.42
N ALA B 58 1.36 -7.64 -10.89
CA ALA B 58 -0.04 -7.17 -10.75
C ALA B 58 -0.79 -8.33 -10.20
N TYR B 59 -1.53 -8.09 -9.10
CA TYR B 59 -2.31 -9.14 -8.46
C TYR B 59 -3.77 -8.67 -8.35
N LYS B 60 -4.65 -9.62 -8.20
CA LYS B 60 -6.08 -9.34 -8.21
C LYS B 60 -6.47 -8.45 -7.00
N ASP B 61 -5.85 -8.73 -5.86
CA ASP B 61 -6.20 -8.05 -4.61
C ASP B 61 -5.13 -8.21 -3.53
N GLU B 62 -5.45 -7.80 -2.29
CA GLU B 62 -4.51 -7.92 -1.15
C GLU B 62 -4.20 -9.33 -0.77
N ASP B 63 -5.21 -10.17 -0.67
CA ASP B 63 -4.94 -11.57 -0.33
C ASP B 63 -3.98 -12.21 -1.34
N ALA B 64 -4.08 -11.83 -2.61
CA ALA B 64 -3.23 -12.47 -3.60
C ALA B 64 -1.81 -11.94 -3.53
N VAL B 65 -1.67 -10.63 -3.32
CA VAL B 65 -0.33 -10.05 -3.13
C VAL B 65 0.36 -10.67 -1.94
N ALA B 66 -0.40 -10.96 -0.89
CA ALA B 66 0.15 -11.64 0.32
C ALA B 66 0.50 -13.09 0.10
N PHE B 67 -0.40 -13.80 -0.58
CA PHE B 67 -0.12 -15.15 -0.87
C PHE B 67 1.26 -15.31 -1.57
N HIS B 68 1.57 -14.48 -2.56
CA HIS B 68 2.82 -14.52 -3.34
C HIS B 68 4.04 -14.64 -2.42
N LYS B 69 4.06 -13.81 -1.35
CA LYS B 69 5.21 -13.72 -0.45
C LYS B 69 5.36 -14.94 0.50
N THR B 70 4.39 -15.84 0.54
CA THR B 70 4.46 -17.12 1.28
C THR B 70 4.86 -18.32 0.41
N THR B 71 4.98 -18.14 -0.89
CA THR B 71 5.36 -19.24 -1.79
C THR B 71 6.83 -19.67 -1.70
N PRO B 72 7.07 -20.98 -1.85
CA PRO B 72 8.43 -21.46 -1.92
C PRO B 72 9.21 -20.81 -3.05
N HIS B 73 8.60 -20.61 -4.24
CA HIS B 73 9.34 -19.86 -5.33
C HIS B 73 9.80 -18.42 -4.91
N TYR B 74 8.95 -17.71 -4.20
CA TYR B 74 9.33 -16.38 -3.76
C TYR B 74 10.44 -16.54 -2.73
N LYS B 75 10.23 -17.42 -1.76
CA LYS B 75 11.22 -17.56 -0.68
C LYS B 75 12.60 -18.01 -1.19
N THR B 76 12.64 -18.92 -2.19
CA THR B 76 13.90 -19.35 -2.89
C THR B 76 14.52 -18.16 -3.57
N CYS B 77 13.68 -17.42 -4.28
CA CYS B 77 14.15 -16.25 -5.01
C CYS B 77 14.81 -15.24 -4.06
N VAL B 78 14.11 -14.89 -2.98
CA VAL B 78 14.66 -13.97 -2.00
C VAL B 78 16.07 -14.40 -1.52
N ALA B 79 16.24 -15.65 -1.08
CA ALA B 79 17.54 -16.15 -0.58
C ALA B 79 18.60 -16.09 -1.63
N LYS B 80 18.26 -16.54 -2.85
CA LYS B 80 19.27 -16.59 -3.89
C LYS B 80 19.66 -15.18 -4.34
N LEU B 81 18.79 -14.20 -4.15
CA LEU B 81 19.12 -12.84 -4.60
C LEU B 81 20.16 -12.09 -3.71
N GLU B 82 20.30 -12.49 -2.44
CA GLU B 82 21.39 -11.93 -1.58
C GLU B 82 22.81 -11.85 -2.21
N SER B 83 23.34 -12.90 -2.79
CA SER B 83 24.67 -12.65 -3.40
C SER B 83 24.61 -11.85 -4.77
N LEU B 84 23.44 -11.28 -5.12
CA LEU B 84 23.28 -10.67 -6.45
C LEU B 84 23.05 -9.16 -6.46
N MET B 85 22.50 -8.62 -5.42
CA MET B 85 22.04 -7.25 -5.53
C MET B 85 23.10 -6.23 -5.07
N THR B 86 23.10 -5.04 -5.67
CA THR B 86 24.06 -4.01 -5.28
C THR B 86 23.44 -3.07 -4.23
N GLY B 87 22.15 -3.27 -3.99
CA GLY B 87 21.38 -2.41 -3.07
C GLY B 87 20.01 -3.02 -2.83
N PRO B 88 19.26 -2.47 -1.86
CA PRO B 88 17.90 -2.91 -1.64
C PRO B 88 17.05 -2.68 -2.91
N ARG B 89 16.03 -3.49 -3.08
CA ARG B 89 15.10 -3.26 -4.20
C ARG B 89 14.33 -1.96 -3.92
N LYS B 90 13.92 -1.26 -4.99
CA LYS B 90 13.12 -0.01 -4.89
C LYS B 90 11.70 -0.30 -5.46
N LYS B 91 10.65 -0.04 -4.69
CA LYS B 91 9.27 -0.32 -5.14
C LYS B 91 8.45 0.91 -5.49
N ARG B 92 7.65 0.83 -6.55
CA ARG B 92 6.75 1.94 -6.89
C ARG B 92 5.37 1.26 -6.87
N LEU B 93 4.43 1.85 -6.12
CA LEU B 93 3.10 1.34 -5.99
C LEU B 93 2.13 2.07 -6.91
N PHE B 94 1.23 1.34 -7.52
CA PHE B 94 0.18 1.97 -8.36
C PHE B 94 -1.18 1.39 -8.10
N ASN B 95 -2.22 2.18 -8.31
CA ASN B 95 -3.57 1.71 -8.38
C ASN B 95 -3.79 1.23 -9.82
N GLY B 96 -4.08 -0.06 -10.03
CA GLY B 96 -4.38 -0.54 -11.39
C GLY B 96 -5.84 -0.31 -11.69
N LEU B 97 -6.13 0.59 -12.64
CA LEU B 97 -7.50 0.93 -12.98
C LEU B 97 -8.06 0.07 -14.11
N MET B 98 -7.21 -0.19 -15.13
CA MET B 98 -7.60 -0.97 -16.31
C MET B 98 -6.48 -1.93 -16.67
N PRO B 99 -6.82 -3.16 -17.09
CA PRO B 99 -8.18 -3.78 -17.26
C PRO B 99 -8.83 -4.14 -15.96
N MET C 1 15.73 -8.23 -29.19
CA MET C 1 15.78 -7.12 -28.11
C MET C 1 14.80 -7.23 -26.87
N GLY C 2 13.68 -7.86 -27.09
CA GLY C 2 12.70 -8.10 -26.04
C GLY C 2 11.79 -9.17 -26.56
N SER C 3 11.37 -10.04 -25.65
CA SER C 3 10.25 -10.84 -25.96
C SER C 3 9.05 -9.82 -25.97
N MET C 4 9.21 -8.65 -25.35
CA MET C 4 8.27 -7.57 -25.69
C MET C 4 8.88 -6.15 -25.57
N HIS C 5 8.21 -5.21 -26.24
CA HIS C 5 8.58 -3.79 -26.24
C HIS C 5 7.63 -3.08 -25.26
N VAL C 6 8.18 -2.53 -24.18
CA VAL C 6 7.29 -1.86 -23.14
C VAL C 6 7.65 -0.36 -23.06
N THR C 7 6.60 0.46 -23.15
CA THR C 7 6.70 1.92 -22.88
C THR C 7 5.78 2.17 -21.71
N LEU C 8 6.32 2.75 -20.66
CA LEU C 8 5.52 3.30 -19.59
C LEU C 8 5.26 4.80 -19.87
N VAL C 9 4.00 5.14 -20.19
CA VAL C 9 3.61 6.56 -20.53
C VAL C 9 3.02 7.29 -19.34
N GLU C 10 3.66 8.40 -18.91
CA GLU C 10 3.13 9.17 -17.79
C GLU C 10 2.35 10.31 -18.36
N ILE C 11 1.10 10.42 -17.88
CA ILE C 11 0.15 11.44 -18.29
C ILE C 11 -0.32 12.18 -17.04
N ASN C 12 -0.28 13.51 -17.06
CA ASN C 12 -0.74 14.31 -15.94
C ASN C 12 -1.86 15.20 -16.41
N VAL C 13 -2.96 15.20 -15.68
CA VAL C 13 -4.13 15.94 -16.09
C VAL C 13 -4.58 16.95 -14.99
N HIS C 14 -5.52 17.86 -15.31
CA HIS C 14 -5.97 18.90 -14.36
C HIS C 14 -6.57 18.20 -13.17
N GLU C 15 -6.32 18.69 -11.95
CA GLU C 15 -6.83 18.02 -10.73
C GLU C 15 -8.33 17.83 -10.77
N ASP C 16 -9.03 18.71 -11.46
CA ASP C 16 -10.50 18.61 -11.61
C ASP C 16 -11.04 17.89 -12.89
N LYS C 17 -10.14 17.21 -13.61
CA LYS C 17 -10.53 16.46 -14.79
C LYS C 17 -10.17 14.98 -14.68
N VAL C 18 -9.92 14.46 -13.48
CA VAL C 18 -9.57 13.02 -13.35
C VAL C 18 -10.66 12.12 -13.91
N ASP C 19 -11.90 12.39 -13.59
CA ASP C 19 -12.97 11.52 -14.05
C ASP C 19 -13.11 11.57 -15.58
N GLU C 20 -12.88 12.75 -16.13
CA GLU C 20 -13.03 12.92 -17.59
C GLU C 20 -11.86 12.20 -18.25
N PHE C 21 -10.67 12.27 -17.66
CA PHE C 21 -9.55 11.55 -18.25
C PHE C 21 -9.85 10.04 -18.26
N ILE C 22 -10.41 9.55 -17.16
CA ILE C 22 -10.66 8.08 -17.08
C ILE C 22 -11.67 7.65 -18.15
N GLU C 23 -12.71 8.45 -18.32
CA GLU C 23 -13.77 8.17 -19.28
C GLU C 23 -13.22 8.21 -20.70
N VAL C 24 -12.41 9.21 -21.02
CA VAL C 24 -11.79 9.27 -22.36
C VAL C 24 -10.76 8.14 -22.62
N PHE C 25 -9.91 7.92 -21.64
CA PHE C 25 -8.79 7.03 -21.87
C PHE C 25 -9.27 5.59 -21.89
N ARG C 26 -10.39 5.31 -21.24
CA ARG C 26 -10.98 3.97 -21.34
C ARG C 26 -11.16 3.46 -22.77
N GLN C 27 -11.60 4.32 -23.71
CA GLN C 27 -11.85 3.87 -25.05
C GLN C 27 -10.52 3.63 -25.81
N ASN C 28 -9.47 4.33 -25.38
CA ASN C 28 -8.12 4.04 -25.99
C ASN C 28 -7.67 2.68 -25.45
N HIS C 29 -7.75 2.44 -24.13
CA HIS C 29 -7.46 1.10 -23.58
C HIS C 29 -8.27 0.00 -24.30
N LEU C 30 -9.60 0.15 -24.42
CA LEU C 30 -10.40 -0.93 -24.99
C LEU C 30 -10.04 -1.17 -26.47
N GLY C 31 -9.71 -0.11 -27.24
CA GLY C 31 -9.32 -0.27 -28.64
C GLY C 31 -7.93 -0.93 -28.74
N SER C 32 -7.01 -0.52 -27.88
CA SER C 32 -5.59 -0.93 -27.96
C SER C 32 -5.42 -2.37 -27.50
N VAL C 33 -6.19 -2.87 -26.56
CA VAL C 33 -6.02 -4.30 -26.20
C VAL C 33 -6.48 -5.22 -27.34
N GLN C 34 -7.25 -4.68 -28.31
CA GLN C 34 -7.67 -5.46 -29.46
C GLN C 34 -6.69 -5.41 -30.62
N GLU C 35 -5.64 -4.63 -30.50
CA GLU C 35 -4.66 -4.51 -31.58
C GLU C 35 -3.92 -5.78 -31.59
N GLU C 36 -3.66 -6.30 -32.78
CA GLU C 36 -3.08 -7.65 -32.90
C GLU C 36 -1.75 -7.79 -32.11
N GLY C 37 -0.84 -6.85 -32.24
CA GLY C 37 0.40 -7.10 -31.48
C GLY C 37 0.42 -6.58 -30.05
N ASN C 38 -0.75 -6.23 -29.48
CA ASN C 38 -0.75 -5.77 -28.10
C ASN C 38 -0.70 -6.90 -27.12
N LEU C 39 0.05 -6.72 -26.03
CA LEU C 39 0.18 -7.70 -24.97
C LEU C 39 -0.36 -7.14 -23.68
N ARG C 40 -0.22 -5.81 -23.43
CA ARG C 40 -0.85 -5.11 -22.31
C ARG C 40 -1.02 -3.66 -22.65
N PHE C 41 -2.09 -3.10 -22.12
CA PHE C 41 -2.27 -1.61 -22.21
C PHE C 41 -2.85 -1.15 -20.88
N ASP C 42 -2.09 -1.44 -19.82
CA ASP C 42 -2.66 -1.29 -18.49
C ASP C 42 -2.74 0.20 -18.09
N VAL C 43 -3.80 0.61 -17.37
CA VAL C 43 -3.92 2.04 -17.05
C VAL C 43 -3.75 2.10 -15.51
N LEU C 44 -2.68 2.75 -15.07
CA LEU C 44 -2.25 2.86 -13.62
C LEU C 44 -2.40 4.26 -13.14
N GLN C 45 -2.63 4.41 -11.83
CA GLN C 45 -2.80 5.75 -11.22
C GLN C 45 -1.81 5.87 -10.05
N ASP C 46 -1.15 7.01 -9.92
CA ASP C 46 -0.22 7.23 -8.85
C ASP C 46 -1.11 7.40 -7.59
N PRO C 47 -0.85 6.63 -6.52
CA PRO C 47 -1.72 6.67 -5.33
C PRO C 47 -1.54 7.99 -4.55
N GLU C 48 -0.40 8.62 -4.74
CA GLU C 48 -0.10 9.87 -4.03
C GLU C 48 -0.60 11.09 -4.83
N VAL C 49 -0.69 10.93 -6.17
CA VAL C 49 -1.10 12.02 -7.09
C VAL C 49 -2.26 11.58 -8.01
N ASN C 50 -3.50 11.69 -7.52
CA ASN C 50 -4.70 11.21 -8.20
C ASN C 50 -4.75 11.60 -9.74
N SER C 51 -4.15 12.74 -10.11
CA SER C 51 -4.23 13.25 -11.46
C SER C 51 -3.07 12.79 -12.35
N ARG C 52 -2.24 11.89 -11.82
CA ARG C 52 -1.11 11.37 -12.58
C ARG C 52 -1.35 9.86 -12.86
N PHE C 53 -1.24 9.51 -14.13
CA PHE C 53 -1.44 8.16 -14.67
C PHE C 53 -0.22 7.65 -15.34
N TYR C 54 0.02 6.32 -15.29
CA TYR C 54 1.08 5.71 -16.06
C TYR C 54 0.40 4.56 -16.88
N ILE C 55 0.62 4.55 -18.20
CA ILE C 55 0.02 3.54 -19.03
C ILE C 55 1.11 2.55 -19.40
N TYR C 56 0.94 1.27 -19.06
CA TYR C 56 1.94 0.28 -19.35
C TYR C 56 1.58 -0.35 -20.72
N GLU C 57 2.31 0.07 -21.77
CA GLU C 57 1.97 -0.36 -23.11
C GLU C 57 3.02 -1.37 -23.53
N ALA C 58 2.58 -2.62 -23.66
CA ALA C 58 3.48 -3.69 -24.01
C ALA C 58 3.01 -4.28 -25.38
N TYR C 59 3.95 -4.37 -26.30
CA TYR C 59 3.70 -4.76 -27.67
C TYR C 59 4.69 -5.83 -28.11
N LYS C 60 4.25 -6.64 -29.06
CA LYS C 60 5.11 -7.70 -29.56
C LYS C 60 6.34 -7.18 -30.28
N ASP C 61 6.21 -6.12 -31.07
CA ASP C 61 7.35 -5.64 -31.89
C ASP C 61 7.08 -4.19 -32.22
N GLU C 62 8.04 -3.52 -32.85
CA GLU C 62 7.94 -2.09 -33.01
C GLU C 62 6.96 -1.71 -34.09
N ASP C 63 6.74 -2.59 -35.08
CA ASP C 63 5.68 -2.37 -36.09
C ASP C 63 4.31 -2.24 -35.41
N ALA C 64 4.10 -3.00 -34.35
CA ALA C 64 2.83 -2.90 -33.57
C ALA C 64 2.79 -1.59 -32.76
N VAL C 65 3.94 -1.15 -32.27
CA VAL C 65 4.02 0.06 -31.41
C VAL C 65 3.68 1.21 -32.29
N ALA C 66 4.30 1.24 -33.48
CA ALA C 66 4.03 2.28 -34.45
C ALA C 66 2.59 2.21 -34.93
N PHE C 67 2.06 1.02 -35.18
CA PHE C 67 0.69 0.94 -35.72
C PHE C 67 -0.33 1.52 -34.74
N HIS C 68 -0.10 1.30 -33.47
CA HIS C 68 -0.95 1.90 -32.43
C HIS C 68 -1.28 3.39 -32.66
N LYS C 69 -0.27 4.16 -32.98
CA LYS C 69 -0.42 5.59 -33.16
C LYS C 69 -1.11 6.01 -34.46
N THR C 70 -1.49 5.07 -35.34
CA THR C 70 -2.24 5.33 -36.55
C THR C 70 -3.72 5.12 -36.33
N THR C 71 -4.06 4.54 -35.17
CA THR C 71 -5.44 4.13 -34.97
C THR C 71 -6.41 5.25 -34.70
N PRO C 72 -7.69 5.00 -35.09
CA PRO C 72 -8.74 5.91 -34.80
C PRO C 72 -8.85 6.12 -33.32
N HIS C 73 -8.78 5.05 -32.52
CA HIS C 73 -8.92 5.23 -31.09
C HIS C 73 -7.77 6.04 -30.49
N TYR C 74 -6.55 5.85 -31.00
CA TYR C 74 -5.43 6.64 -30.50
C TYR C 74 -5.63 8.14 -30.84
N LYS C 75 -6.02 8.39 -32.08
CA LYS C 75 -6.12 9.76 -32.52
C LYS C 75 -7.17 10.51 -31.78
N THR C 76 -8.34 9.87 -31.59
CA THR C 76 -9.43 10.43 -30.82
C THR C 76 -8.99 10.76 -29.43
N CYS C 77 -8.31 9.80 -28.81
CA CYS C 77 -7.84 10.03 -27.46
C CYS C 77 -6.85 11.23 -27.40
N VAL C 78 -5.88 11.29 -28.28
CA VAL C 78 -4.94 12.43 -28.30
C VAL C 78 -5.75 13.75 -28.40
N ALA C 79 -6.74 13.79 -29.32
CA ALA C 79 -7.55 15.02 -29.60
C ALA C 79 -8.24 15.47 -28.31
N LYS C 80 -8.79 14.51 -27.61
CA LYS C 80 -9.59 14.76 -26.39
C LYS C 80 -8.75 15.13 -25.21
N LEU C 81 -7.53 14.60 -25.16
CA LEU C 81 -6.58 14.85 -24.09
C LEU C 81 -5.90 16.24 -24.16
N GLU C 82 -5.97 16.89 -25.32
CA GLU C 82 -5.43 18.25 -25.46
C GLU C 82 -5.95 19.18 -24.38
N SER C 83 -7.27 19.18 -24.15
CA SER C 83 -7.87 19.95 -23.06
C SER C 83 -7.67 19.42 -21.61
N LEU C 84 -7.24 18.17 -21.43
CA LEU C 84 -7.06 17.62 -20.09
C LEU C 84 -5.65 17.61 -19.59
N MET C 85 -4.65 17.53 -20.46
CA MET C 85 -3.26 17.29 -19.95
C MET C 85 -2.52 18.54 -19.46
N THR C 86 -1.66 18.40 -18.45
CA THR C 86 -1.05 19.61 -17.87
C THR C 86 0.26 19.92 -18.54
N GLY C 87 0.62 19.08 -19.51
CA GLY C 87 1.87 19.23 -20.25
C GLY C 87 2.07 18.03 -21.14
N PRO C 88 3.18 18.03 -21.90
CA PRO C 88 3.44 16.79 -22.71
C PRO C 88 3.56 15.46 -21.93
N ARG C 89 3.22 14.34 -22.57
CA ARG C 89 3.44 12.99 -21.99
C ARG C 89 4.98 12.69 -21.91
N LYS C 90 5.38 11.83 -20.99
CA LYS C 90 6.76 11.50 -20.69
C LYS C 90 6.79 9.98 -20.80
N LYS C 91 7.78 9.42 -21.49
CA LYS C 91 7.84 7.98 -21.76
C LYS C 91 9.09 7.36 -21.13
N ARG C 92 8.97 6.16 -20.57
CA ARG C 92 10.12 5.35 -20.20
C ARG C 92 10.02 4.02 -20.95
N LEU C 93 11.16 3.57 -21.51
CA LEU C 93 11.20 2.32 -22.28
C LEU C 93 11.88 1.19 -21.48
N PHE C 94 11.39 0.00 -21.70
CA PHE C 94 11.99 -1.20 -21.08
C PHE C 94 11.98 -2.32 -22.08
N ASN C 95 12.94 -3.22 -21.97
CA ASN C 95 12.92 -4.43 -22.83
C ASN C 95 12.31 -5.57 -22.05
N GLY C 96 11.22 -6.19 -22.55
CA GLY C 96 10.64 -7.39 -21.91
C GLY C 96 11.52 -8.62 -22.04
N LEU C 97 11.84 -9.29 -20.92
CA LEU C 97 12.53 -10.58 -20.92
C LEU C 97 11.57 -11.74 -20.72
N MET C 98 10.53 -11.52 -19.94
CA MET C 98 9.60 -12.58 -19.57
C MET C 98 8.25 -11.90 -19.31
N PRO C 99 7.16 -12.50 -19.75
CA PRO C 99 7.05 -13.82 -20.42
C PRO C 99 7.57 -13.71 -21.85
N MET D 1 -14.89 1.14 30.74
CA MET D 1 -15.42 1.14 29.34
C MET D 1 -14.44 0.40 28.35
N GLY D 2 -13.30 -0.02 28.84
CA GLY D 2 -12.31 -0.69 27.97
C GLY D 2 -11.16 -1.31 28.73
N SER D 3 -10.45 -2.22 28.08
CA SER D 3 -9.15 -2.66 28.55
C SER D 3 -8.13 -1.51 28.30
N MET D 4 -8.49 -0.57 27.42
CA MET D 4 -7.68 0.64 27.29
C MET D 4 -8.47 1.76 26.63
N HIS D 5 -7.97 2.97 26.75
CA HIS D 5 -8.58 4.16 26.19
C HIS D 5 -7.66 4.61 25.06
N VAL D 6 -8.24 4.73 23.84
CA VAL D 6 -7.42 5.04 22.64
C VAL D 6 -7.97 6.30 22.01
N THR D 7 -7.07 7.19 21.69
CA THR D 7 -7.37 8.34 20.89
C THR D 7 -6.46 8.24 19.69
N LEU D 8 -6.99 8.32 18.48
CA LEU D 8 -6.23 8.45 17.26
C LEU D 8 -6.24 9.95 16.91
N VAL D 9 -5.07 10.58 16.96
CA VAL D 9 -4.95 12.03 16.72
C VAL D 9 -4.34 12.23 15.32
N GLU D 10 -5.08 12.93 14.43
CA GLU D 10 -4.63 13.30 13.11
C GLU D 10 -3.95 14.66 13.13
N ILE D 11 -2.74 14.74 12.55
CA ILE D 11 -1.98 15.98 12.58
C ILE D 11 -1.57 16.19 11.15
N ASN D 12 -1.58 17.46 10.64
CA ASN D 12 -1.27 17.67 9.25
C ASN D 12 -0.34 18.85 9.34
N VAL D 13 0.80 18.74 8.64
CA VAL D 13 1.88 19.72 8.76
C VAL D 13 2.23 20.31 7.38
N HIS D 14 3.02 21.38 7.33
CA HIS D 14 3.30 22.00 6.02
C HIS D 14 4.06 20.98 5.24
N GLU D 15 3.88 21.00 3.91
CA GLU D 15 4.47 19.99 3.05
C GLU D 15 5.96 20.00 3.09
N ASP D 16 6.57 21.18 3.32
CA ASP D 16 8.04 21.28 3.37
C ASP D 16 8.60 21.06 4.80
N LYS D 17 7.74 20.64 5.74
CA LYS D 17 8.15 20.49 7.11
C LYS D 17 7.99 19.05 7.64
N VAL D 18 7.85 18.07 6.75
CA VAL D 18 7.57 16.67 7.17
C VAL D 18 8.70 16.16 8.10
N ASP D 19 9.94 16.43 7.68
CA ASP D 19 11.09 16.02 8.46
C ASP D 19 11.21 16.75 9.81
N GLU D 20 10.97 18.07 9.82
CA GLU D 20 11.04 18.79 11.04
C GLU D 20 9.97 18.24 12.00
N PHE D 21 8.80 17.87 11.49
CA PHE D 21 7.69 17.38 12.36
C PHE D 21 8.13 16.05 13.04
N ILE D 22 8.81 15.25 12.29
CA ILE D 22 9.21 13.87 12.76
C ILE D 22 10.26 14.09 13.86
N GLU D 23 11.27 14.92 13.59
CA GLU D 23 12.23 15.30 14.65
C GLU D 23 11.60 15.85 15.90
N VAL D 24 10.59 16.72 15.77
CA VAL D 24 10.01 17.26 17.02
C VAL D 24 9.18 16.22 17.70
N PHE D 25 8.39 15.51 16.91
CA PHE D 25 7.31 14.68 17.53
C PHE D 25 8.00 13.44 18.14
N ARG D 26 9.17 13.10 17.62
CA ARG D 26 9.95 11.99 18.17
C ARG D 26 10.08 12.12 19.65
N GLN D 27 10.37 13.34 20.12
CA GLN D 27 10.66 13.49 21.55
C GLN D 27 9.39 13.36 22.40
N ASN D 28 8.23 13.72 21.85
CA ASN D 28 6.96 13.50 22.57
C ASN D 28 6.69 12.01 22.62
N HIS D 29 6.83 11.31 21.48
CA HIS D 29 6.75 9.80 21.47
C HIS D 29 7.63 9.15 22.56
N LEU D 30 8.91 9.53 22.61
CA LEU D 30 9.89 8.95 23.56
C LEU D 30 9.56 9.30 25.03
N GLY D 31 9.09 10.51 25.28
CA GLY D 31 8.60 10.81 26.64
C GLY D 31 7.33 10.06 26.99
N SER D 32 6.41 9.92 26.01
CA SER D 32 5.06 9.49 26.34
C SER D 32 5.03 7.97 26.51
N VAL D 33 5.89 7.24 25.77
CA VAL D 33 5.97 5.77 26.09
C VAL D 33 6.54 5.46 27.50
N GLN D 34 7.16 6.46 28.16
CA GLN D 34 7.64 6.30 29.56
C GLN D 34 6.59 6.65 30.61
N GLU D 35 5.46 7.20 30.16
CA GLU D 35 4.38 7.50 31.06
C GLU D 35 3.83 6.19 31.59
N GLU D 36 3.71 6.19 32.93
CA GLU D 36 3.21 5.06 33.66
C GLU D 36 1.97 4.51 33.01
N GLY D 37 1.02 5.40 32.78
CA GLY D 37 -0.25 4.95 32.19
C GLY D 37 -0.22 4.53 30.71
N ASN D 38 0.90 4.69 30.00
CA ASN D 38 0.90 4.47 28.55
C ASN D 38 1.00 3.02 28.11
N LEU D 39 0.18 2.65 27.11
CA LEU D 39 0.27 1.35 26.46
C LEU D 39 0.75 1.44 25.01
N ARG D 40 0.42 2.53 24.26
CA ARG D 40 0.96 2.71 22.91
C ARG D 40 1.01 4.21 22.69
N PHE D 41 1.97 4.68 21.91
CA PHE D 41 1.96 6.10 21.45
C PHE D 41 2.59 5.98 20.10
N ASP D 42 1.93 5.21 19.22
CA ASP D 42 2.45 4.90 17.92
C ASP D 42 2.32 6.11 16.96
N VAL D 43 3.35 6.34 16.17
CA VAL D 43 3.35 7.49 15.26
C VAL D 43 3.23 6.92 13.84
N LEU D 44 2.10 7.21 13.18
CA LEU D 44 1.77 6.67 11.85
C LEU D 44 1.73 7.77 10.77
N GLN D 45 2.06 7.40 9.54
CA GLN D 45 2.18 8.37 8.40
C GLN D 45 1.29 7.82 7.29
N ASP D 46 0.45 8.68 6.76
CA ASP D 46 -0.41 8.36 5.65
C ASP D 46 0.51 8.07 4.45
N PRO D 47 0.37 6.88 3.85
CA PRO D 47 1.29 6.49 2.76
C PRO D 47 1.09 7.32 1.51
N GLU D 48 -0.09 7.93 1.40
CA GLU D 48 -0.47 8.70 0.20
C GLU D 48 -0.32 10.21 0.42
N VAL D 49 -0.21 10.64 1.67
CA VAL D 49 -0.06 12.08 1.96
C VAL D 49 1.05 12.13 3.01
N ASN D 50 2.33 12.34 2.62
CA ASN D 50 3.50 12.30 3.58
C ASN D 50 3.38 13.31 4.77
N SER D 51 2.56 14.36 4.60
CA SER D 51 2.45 15.43 5.57
C SER D 51 1.22 15.23 6.50
N ARG D 52 0.60 14.03 6.47
CA ARG D 52 -0.54 13.67 7.26
C ARG D 52 -0.10 12.53 8.18
N PHE D 53 -0.08 12.80 9.48
CA PHE D 53 0.23 11.79 10.51
C PHE D 53 -0.95 11.45 11.45
N TYR D 54 -0.87 10.25 12.10
CA TYR D 54 -1.92 9.83 13.03
C TYR D 54 -1.18 9.16 14.20
N ILE D 55 -1.53 9.55 15.44
CA ILE D 55 -0.84 9.10 16.58
C ILE D 55 -1.82 8.23 17.25
N TYR D 56 -1.45 6.97 17.46
CA TYR D 56 -2.33 6.08 18.17
C TYR D 56 -1.94 6.10 19.67
N GLU D 57 -2.77 6.76 20.49
CA GLU D 57 -2.43 7.02 21.90
C GLU D 57 -3.28 6.11 22.74
N ALA D 58 -2.67 5.11 23.37
CA ALA D 58 -3.49 4.15 24.11
C ALA D 58 -3.03 4.20 25.56
N TYR D 59 -3.97 4.46 26.47
CA TYR D 59 -3.67 4.58 27.88
C TYR D 59 -4.63 3.66 28.68
N LYS D 60 -4.18 3.31 29.89
CA LYS D 60 -4.85 2.40 30.78
C LYS D 60 -6.12 3.00 31.34
N ASP D 61 -6.07 4.30 31.68
CA ASP D 61 -7.19 5.05 32.25
C ASP D 61 -7.19 6.51 31.77
N GLU D 62 -8.17 7.27 32.24
CA GLU D 62 -8.40 8.64 31.77
C GLU D 62 -7.55 9.59 32.58
N ASP D 63 -7.19 9.22 33.81
CA ASP D 63 -6.23 10.01 34.61
C ASP D 63 -4.87 10.13 33.89
N ALA D 64 -4.45 9.02 33.31
CA ALA D 64 -3.23 9.02 32.53
C ALA D 64 -3.38 9.83 31.25
N VAL D 65 -4.52 9.71 30.55
CA VAL D 65 -4.78 10.53 29.35
C VAL D 65 -4.58 12.03 29.64
N ALA D 66 -5.17 12.51 30.75
CA ALA D 66 -5.07 13.91 31.14
C ALA D 66 -3.65 14.24 31.55
N PHE D 67 -3.02 13.37 32.36
CA PHE D 67 -1.63 13.66 32.82
C PHE D 67 -0.65 13.86 31.66
N HIS D 68 -0.86 13.13 30.58
CA HIS D 68 -0.03 13.29 29.38
C HIS D 68 0.04 14.77 28.98
N LYS D 69 -1.08 15.45 29.10
CA LYS D 69 -1.14 16.85 28.64
C LYS D 69 -0.54 17.88 29.57
N THR D 70 -0.08 17.43 30.75
CA THR D 70 0.67 18.28 31.70
C THR D 70 2.18 18.14 31.52
N THR D 71 2.61 17.25 30.65
CA THR D 71 4.05 16.89 30.74
C THR D 71 4.94 17.85 30.03
N PRO D 72 6.21 17.98 30.48
CA PRO D 72 7.09 18.89 29.81
C PRO D 72 7.27 18.52 28.32
N HIS D 73 7.34 17.22 27.99
CA HIS D 73 7.54 16.85 26.59
C HIS D 73 6.31 17.17 25.75
N TYR D 74 5.11 16.99 26.31
CA TYR D 74 3.90 17.35 25.55
C TYR D 74 3.91 18.89 25.31
N LYS D 75 4.14 19.66 26.36
CA LYS D 75 4.03 21.14 26.24
C LYS D 75 5.03 21.65 25.25
N THR D 76 6.24 21.07 25.32
CA THR D 76 7.29 21.47 24.42
C THR D 76 6.86 21.15 23.02
N CYS D 77 6.26 19.97 22.85
CA CYS D 77 5.87 19.52 21.50
C CYS D 77 4.76 20.42 20.90
N VAL D 78 3.73 20.76 21.69
CA VAL D 78 2.69 21.74 21.32
C VAL D 78 3.28 23.07 20.89
N ALA D 79 4.23 23.61 21.65
CA ALA D 79 4.80 24.94 21.32
C ALA D 79 5.57 24.89 19.98
N LYS D 80 6.31 23.81 19.79
CA LYS D 80 7.11 23.66 18.52
C LYS D 80 6.20 23.36 17.31
N LEU D 81 5.07 22.68 17.52
CA LEU D 81 4.18 22.37 16.36
C LEU D 81 3.26 23.56 15.99
N GLU D 82 3.30 24.60 16.81
CA GLU D 82 2.66 25.86 16.38
C GLU D 82 3.05 26.33 15.00
N SER D 83 4.34 26.25 14.64
CA SER D 83 4.77 26.74 13.33
C SER D 83 4.75 25.69 12.24
N LEU D 84 4.41 24.45 12.62
CA LEU D 84 4.38 23.34 11.69
C LEU D 84 3.01 22.85 11.25
N MET D 85 2.06 22.87 12.16
CA MET D 85 0.73 22.37 11.86
C MET D 85 -0.06 23.27 10.93
N THR D 86 -0.92 22.68 10.10
CA THR D 86 -1.69 23.50 9.14
C THR D 86 -3.07 23.87 9.69
N GLY D 87 -3.31 23.38 10.90
CA GLY D 87 -4.54 23.65 11.60
C GLY D 87 -4.66 22.81 12.82
N PRO D 88 -5.82 22.90 13.49
CA PRO D 88 -5.98 22.18 14.77
C PRO D 88 -6.01 20.64 14.59
N ARG D 89 -5.53 19.91 15.60
CA ARG D 89 -5.46 18.43 15.53
C ARG D 89 -6.89 17.92 15.53
N LYS D 90 -7.14 16.70 15.06
CA LYS D 90 -8.46 16.16 15.08
C LYS D 90 -8.36 14.87 15.85
N LYS D 91 -9.41 14.54 16.60
CA LYS D 91 -9.32 13.31 17.44
C LYS D 91 -10.45 12.34 17.14
N ARG D 92 -10.18 11.01 17.27
CA ARG D 92 -11.24 10.01 17.27
C ARG D 92 -10.90 9.10 18.45
N LEU D 93 -11.96 8.72 19.20
CA LEU D 93 -11.86 8.01 20.41
C LEU D 93 -12.39 6.59 20.19
N PHE D 94 -11.75 5.64 20.88
CA PHE D 94 -12.14 4.23 20.83
C PHE D 94 -11.93 3.59 22.16
N ASN D 95 -12.75 2.58 22.41
CA ASN D 95 -12.62 1.78 23.64
C ASN D 95 -11.90 0.51 23.24
N GLY D 96 -10.82 0.17 23.93
CA GLY D 96 -10.08 -1.06 23.67
C GLY D 96 -10.86 -2.23 24.25
N LEU D 97 -10.95 -3.33 23.52
CA LEU D 97 -11.49 -4.56 24.11
C LEU D 97 -10.40 -5.60 24.34
N MET D 98 -9.40 -5.63 23.46
CA MET D 98 -8.30 -6.62 23.54
C MET D 98 -7.09 -5.93 22.96
N PRO D 99 -5.92 -6.10 23.56
CA PRO D 99 -5.74 -6.94 24.76
C PRO D 99 -6.16 -6.14 26.03
#